data_8Z4F
#
_entry.id   8Z4F
#
_cell.length_a   105.340
_cell.length_b   113.100
_cell.length_c   120.920
_cell.angle_alpha   90.00
_cell.angle_beta   90.00
_cell.angle_gamma   90.00
#
_symmetry.space_group_name_H-M   'I 2 2 2'
#
loop_
_entity.id
_entity.type
_entity.pdbx_description
1 polymer 'Pseudomurein endosiopeptidase'
2 water water
#
_entity_poly.entity_id   1
_entity_poly.type   'polypeptide(L)'
_entity_poly.pdbx_seq_one_letter_code
;MRSNSVNIETFKDMLKRYEDFKMKNKREPRVIFIRSGGGESIPLETFRDMVRRYNNFKDRYGREPRIVYVTPPEPPVPEV
NENTPEYVSITQFKDMLSRYNRFKEVNGREPRVVFIYSGGGPSVSLETFKDMCKRYNQFLEENRREPRIVYVTPPEPPVP
EEVREMRRVLGEFKTATQLYTLVSRRCKYKFYYNDQTPNREALKKMVTDGINCTDACQLFKPVIEGLGYSVRIEHVKVRC
NDNKWYGHYFLRVAGKELASVSLPSERWTVWDYVSATKTGRPLGAPCCSRGIQHLGWGIVSPK
;
_entity_poly.pdbx_strand_id   B,A
#
# COMPACT_ATOMS: atom_id res chain seq x y z
N GLU A 82 25.80 -24.27 -30.93
CA GLU A 82 24.83 -25.23 -31.43
C GLU A 82 23.68 -25.38 -30.42
N ASN A 83 22.47 -25.09 -30.87
CA ASN A 83 21.27 -25.17 -30.01
C ASN A 83 21.11 -26.62 -29.50
N THR A 84 20.77 -26.80 -28.23
CA THR A 84 20.48 -28.20 -27.87
C THR A 84 19.15 -28.55 -28.56
N PRO A 85 19.09 -29.64 -29.32
CA PRO A 85 17.90 -29.95 -30.09
C PRO A 85 16.62 -30.22 -29.31
N GLU A 86 15.49 -29.73 -29.83
CA GLU A 86 14.20 -30.05 -29.23
C GLU A 86 13.81 -31.50 -29.43
N TYR A 87 14.26 -32.11 -30.54
CA TYR A 87 13.97 -33.51 -30.81
C TYR A 87 15.11 -34.11 -31.64
N VAL A 88 15.21 -35.44 -31.65
CA VAL A 88 16.21 -36.09 -32.48
C VAL A 88 15.56 -37.25 -33.22
N SER A 89 16.22 -37.70 -34.26
CA SER A 89 15.71 -38.83 -35.01
C SER A 89 15.75 -40.08 -34.14
N ILE A 90 14.81 -40.98 -34.39
CA ILE A 90 14.84 -42.32 -33.79
C ILE A 90 16.21 -42.98 -33.98
N THR A 91 16.86 -42.74 -35.13
CA THR A 91 18.20 -43.23 -35.39
C THR A 91 19.18 -42.72 -34.33
N GLN A 92 19.07 -41.44 -33.99
CA GLN A 92 19.96 -40.82 -33.01
C GLN A 92 19.65 -41.30 -31.60
N PHE A 93 18.36 -41.40 -31.28
CA PHE A 93 17.95 -41.94 -29.98
C PHE A 93 18.52 -43.33 -29.74
N LYS A 94 18.43 -44.22 -30.72
CA LYS A 94 18.99 -45.56 -30.52
C LYS A 94 20.51 -45.52 -30.41
N ASP A 95 21.16 -44.57 -31.07
CA ASP A 95 22.62 -44.44 -30.88
C ASP A 95 22.95 -43.96 -29.46
N MET A 96 22.16 -43.02 -28.94
CA MET A 96 22.30 -42.62 -27.55
C MET A 96 22.09 -43.82 -26.62
N LEU A 97 21.11 -44.67 -26.91
CA LEU A 97 20.92 -45.82 -26.05
C LEU A 97 22.14 -46.75 -26.09
N SER A 98 22.73 -46.91 -27.28
CA SER A 98 23.91 -47.77 -27.42
C SER A 98 25.08 -47.24 -26.61
N ARG A 99 25.31 -45.93 -26.69
CA ARG A 99 26.42 -45.29 -25.92
C ARG A 99 26.09 -45.33 -24.42
N TYR A 100 24.83 -45.13 -24.05
CA TYR A 100 24.43 -45.28 -22.66
C TYR A 100 24.79 -46.68 -22.15
N ASN A 101 24.44 -47.71 -22.91
CA ASN A 101 24.71 -49.07 -22.46
C ASN A 101 26.20 -49.40 -22.45
N ARG A 102 26.95 -48.83 -23.37
CA ARG A 102 28.42 -49.07 -23.44
C ARG A 102 29.07 -48.50 -22.18
N PHE A 103 28.60 -47.34 -21.76
CA PHE A 103 29.15 -46.72 -20.55
C PHE A 103 28.85 -47.58 -19.33
N LYS A 104 27.61 -48.04 -19.21
CA LYS A 104 27.22 -48.94 -18.13
C LYS A 104 28.05 -50.21 -18.17
N GLU A 105 28.28 -50.76 -19.37
CA GLU A 105 29.10 -51.96 -19.52
C GLU A 105 30.51 -51.79 -18.96
N VAL A 106 31.17 -50.69 -19.28
CA VAL A 106 32.55 -50.49 -18.87
C VAL A 106 32.63 -50.07 -17.41
N ASN A 107 31.74 -49.15 -16.97
CA ASN A 107 31.88 -48.49 -15.67
C ASN A 107 30.93 -49.01 -14.61
N GLY A 108 29.96 -49.85 -14.97
CA GLY A 108 29.14 -50.49 -13.94
C GLY A 108 28.11 -49.57 -13.32
N ARG A 109 27.84 -48.44 -13.96
CA ARG A 109 26.90 -47.45 -13.43
C ARG A 109 26.40 -46.61 -14.60
N GLU A 110 25.30 -45.88 -14.36
CA GLU A 110 24.75 -44.96 -15.35
C GLU A 110 25.66 -43.75 -15.55
N PRO A 111 25.82 -43.24 -16.78
CA PRO A 111 26.43 -41.91 -16.99
C PRO A 111 25.53 -40.80 -16.45
N ARG A 112 26.14 -39.71 -15.96
CA ARG A 112 25.35 -38.59 -15.41
C ARG A 112 24.67 -37.80 -16.53
N VAL A 113 25.31 -37.73 -17.69
CA VAL A 113 24.74 -37.10 -18.88
C VAL A 113 24.95 -38.06 -20.05
N VAL A 114 24.17 -37.85 -21.12
CA VAL A 114 24.28 -38.65 -22.34
C VAL A 114 24.48 -37.72 -23.53
N PHE A 115 25.61 -37.87 -24.20
CA PHE A 115 25.87 -37.05 -25.38
C PHE A 115 24.91 -37.40 -26.51
N ILE A 116 24.40 -36.38 -27.20
CA ILE A 116 23.40 -36.65 -28.24
C ILE A 116 24.04 -37.38 -29.41
N TYR A 117 25.23 -36.93 -29.82
CA TYR A 117 25.95 -37.45 -30.98
C TYR A 117 27.25 -38.11 -30.56
N SER A 118 27.59 -39.17 -31.26
CA SER A 118 28.94 -39.72 -31.18
C SER A 118 29.98 -38.65 -31.51
N GLY A 119 31.01 -38.56 -30.68
CA GLY A 119 32.07 -37.58 -30.86
C GLY A 119 31.98 -36.37 -29.95
N GLY A 120 30.88 -36.22 -29.20
CA GLY A 120 30.75 -35.11 -28.27
C GLY A 120 29.83 -34.01 -28.79
N GLY A 121 29.81 -32.90 -28.07
CA GLY A 121 28.90 -31.82 -28.43
C GLY A 121 27.76 -31.69 -27.44
N PRO A 122 26.53 -31.46 -27.91
CA PRO A 122 25.41 -31.28 -26.97
C PRO A 122 25.14 -32.58 -26.20
N SER A 123 24.64 -32.41 -24.99
CA SER A 123 24.32 -33.56 -24.15
C SER A 123 23.08 -33.25 -23.35
N VAL A 124 22.40 -34.32 -22.89
CA VAL A 124 21.25 -34.19 -22.01
C VAL A 124 21.56 -34.86 -20.70
N SER A 125 20.90 -34.37 -19.64
CA SER A 125 21.06 -35.03 -18.36
C SER A 125 20.48 -36.44 -18.39
N LEU A 126 20.95 -37.27 -17.45
CA LEU A 126 20.34 -38.59 -17.32
C LEU A 126 18.83 -38.48 -17.07
N GLU A 127 18.40 -37.51 -16.25
CA GLU A 127 16.96 -37.32 -16.03
C GLU A 127 16.23 -37.11 -17.36
N THR A 128 16.77 -36.21 -18.19
CA THR A 128 16.14 -35.92 -19.49
C THR A 128 16.16 -37.15 -20.39
N PHE A 129 17.25 -37.90 -20.40
CA PHE A 129 17.30 -39.12 -21.19
C PHE A 129 16.21 -40.10 -20.76
N LYS A 130 15.97 -40.20 -19.46
CA LYS A 130 14.90 -41.10 -18.96
C LYS A 130 13.55 -40.61 -19.50
N ASP A 131 13.34 -39.29 -19.50
CA ASP A 131 12.11 -38.72 -20.10
C ASP A 131 11.99 -39.14 -21.55
N MET A 132 13.12 -39.12 -22.28
CA MET A 132 13.06 -39.47 -23.69
C MET A 132 12.66 -40.92 -23.87
N CYS A 133 13.25 -41.83 -23.07
CA CYS A 133 12.86 -43.24 -23.14
C CYS A 133 11.39 -43.42 -22.79
N LYS A 134 10.89 -42.68 -21.80
CA LYS A 134 9.47 -42.76 -21.49
C LYS A 134 8.61 -42.36 -22.69
N ARG A 135 8.99 -41.29 -23.42
CA ARG A 135 8.16 -40.87 -24.56
C ARG A 135 8.17 -41.90 -25.68
N TYR A 136 9.34 -42.50 -25.93
CA TYR A 136 9.44 -43.58 -26.90
C TYR A 136 8.52 -44.73 -26.52
N ASN A 137 8.58 -45.14 -25.24
CA ASN A 137 7.75 -46.24 -24.75
C ASN A 137 6.27 -45.92 -24.93
N GLN A 138 5.87 -44.71 -24.52
CA GLN A 138 4.47 -44.28 -24.63
C GLN A 138 3.99 -44.29 -26.08
N PHE A 139 4.80 -43.74 -26.99
CA PHE A 139 4.41 -43.71 -28.39
C PHE A 139 4.27 -45.13 -28.94
N LEU A 140 5.20 -46.00 -28.60
CA LEU A 140 5.16 -47.37 -29.10
C LEU A 140 3.93 -48.09 -28.56
N GLU A 141 3.55 -47.83 -27.31
CA GLU A 141 2.40 -48.52 -26.74
C GLU A 141 1.10 -48.02 -27.36
N GLU A 142 0.99 -46.71 -27.54
CA GLU A 142 -0.26 -46.13 -28.03
C GLU A 142 -0.45 -46.36 -29.52
N ASN A 143 0.65 -46.43 -30.27
CA ASN A 143 0.52 -46.47 -31.75
C ASN A 143 0.93 -47.79 -32.36
N ARG A 144 1.46 -48.72 -31.57
CA ARG A 144 1.97 -49.99 -32.09
C ARG A 144 3.00 -49.82 -33.20
N ARG A 145 3.65 -48.66 -33.28
CA ARG A 145 4.80 -48.50 -34.15
C ARG A 145 5.76 -47.53 -33.48
N GLU A 146 7.01 -47.48 -34.01
CA GLU A 146 8.01 -46.57 -33.48
C GLU A 146 7.81 -45.16 -33.99
N PRO A 147 8.11 -44.16 -33.17
CA PRO A 147 8.11 -42.79 -33.68
C PRO A 147 9.33 -42.58 -34.56
N ARG A 148 9.18 -41.68 -35.53
CA ARG A 148 10.31 -41.22 -36.32
C ARG A 148 11.19 -40.29 -35.52
N ILE A 149 10.58 -39.58 -34.56
CA ILE A 149 11.15 -38.43 -33.88
C ILE A 149 10.98 -38.67 -32.39
N VAL A 150 12.03 -38.45 -31.60
CA VAL A 150 11.95 -38.58 -30.16
C VAL A 150 12.26 -37.21 -29.57
N TYR A 151 11.31 -36.65 -28.81
CA TYR A 151 11.44 -35.31 -28.28
C TYR A 151 12.36 -35.30 -27.07
N VAL A 152 13.23 -34.30 -27.01
CA VAL A 152 14.15 -34.11 -25.88
C VAL A 152 13.43 -33.45 -24.73
N THR A 153 12.52 -32.52 -25.03
CA THR A 153 11.66 -31.91 -24.04
C THR A 153 10.23 -31.99 -24.60
N PRO A 154 9.21 -31.91 -23.75
CA PRO A 154 7.84 -32.14 -24.23
C PRO A 154 7.42 -31.09 -25.23
N PRO A 155 6.80 -31.49 -26.33
CA PRO A 155 6.31 -30.50 -27.29
C PRO A 155 5.23 -29.61 -26.66
N GLU A 156 5.29 -28.33 -26.99
CA GLU A 156 4.38 -27.33 -26.45
C GLU A 156 4.05 -26.33 -27.56
N PRO A 157 2.86 -25.76 -27.54
CA PRO A 157 2.57 -24.64 -28.45
C PRO A 157 3.42 -23.43 -28.08
N PRO A 158 3.55 -22.44 -28.96
CA PRO A 158 4.40 -21.29 -28.62
C PRO A 158 3.82 -20.51 -27.44
N VAL A 159 4.69 -20.18 -26.48
CA VAL A 159 4.27 -19.43 -25.28
C VAL A 159 3.57 -18.10 -25.62
N PRO A 160 4.08 -17.28 -26.56
CA PRO A 160 3.39 -16.00 -26.78
C PRO A 160 1.97 -16.19 -27.25
N GLU A 161 1.70 -17.24 -28.05
CA GLU A 161 0.35 -17.55 -28.46
C GLU A 161 -0.52 -17.98 -27.27
N GLU A 162 0.00 -18.84 -26.40
CA GLU A 162 -0.79 -19.24 -25.23
C GLU A 162 -1.18 -18.03 -24.40
N VAL A 163 -0.24 -17.10 -24.19
CA VAL A 163 -0.57 -15.89 -23.44
C VAL A 163 -1.60 -15.05 -24.20
N ARG A 164 -1.40 -14.90 -25.51
CA ARG A 164 -2.31 -14.05 -26.30
C ARG A 164 -3.71 -14.62 -26.33
N GLU A 165 -3.84 -15.95 -26.44
CA GLU A 165 -5.15 -16.58 -26.42
C GLU A 165 -5.84 -16.37 -25.08
N MET A 166 -5.08 -16.53 -23.98
CA MET A 166 -5.65 -16.26 -22.67
C MET A 166 -6.14 -14.83 -22.57
N ARG A 167 -5.34 -13.89 -23.09
CA ARG A 167 -5.69 -12.48 -23.00
C ARG A 167 -6.93 -12.19 -23.82
N ARG A 168 -7.01 -12.80 -25.00
CA ARG A 168 -8.22 -12.66 -25.83
C ARG A 168 -9.46 -13.02 -25.02
N VAL A 169 -9.39 -14.07 -24.22
CA VAL A 169 -10.57 -14.54 -23.50
C VAL A 169 -10.84 -13.68 -22.27
N LEU A 170 -9.85 -13.52 -21.40
CA LEU A 170 -10.05 -12.90 -20.10
C LEU A 170 -9.76 -11.41 -20.10
N GLY A 171 -9.18 -10.89 -21.16
CA GLY A 171 -8.74 -9.51 -21.15
C GLY A 171 -7.28 -9.39 -20.82
N GLU A 172 -6.87 -8.15 -20.64
CA GLU A 172 -5.46 -7.84 -20.45
C GLU A 172 -5.01 -8.17 -19.03
N PHE A 173 -3.82 -8.74 -18.94
CA PHE A 173 -3.20 -8.97 -17.65
C PHE A 173 -1.70 -9.08 -17.89
N LYS A 174 -0.92 -8.62 -16.90
CA LYS A 174 0.53 -8.75 -16.92
C LYS A 174 1.12 -9.44 -15.69
N THR A 175 0.35 -9.63 -14.60
CA THR A 175 0.83 -10.24 -13.37
C THR A 175 -0.01 -11.48 -13.02
N ALA A 176 0.55 -12.37 -12.19
CA ALA A 176 -0.21 -13.54 -11.74
C ALA A 176 -1.37 -13.12 -10.83
N THR A 177 -1.22 -12.01 -10.10
CA THR A 177 -2.30 -11.54 -9.22
C THR A 177 -3.45 -10.96 -10.04
N GLN A 178 -3.15 -10.25 -11.13
CA GLN A 178 -4.22 -9.78 -12.02
C GLN A 178 -4.95 -10.97 -12.64
N LEU A 179 -4.18 -11.95 -13.14
CA LEU A 179 -4.76 -13.12 -13.78
C LEU A 179 -5.69 -13.86 -12.83
N TYR A 180 -5.24 -14.05 -11.58
CA TYR A 180 -6.09 -14.73 -10.60
C TYR A 180 -7.42 -14.01 -10.46
N THR A 181 -7.35 -12.69 -10.43
CA THR A 181 -8.57 -11.86 -10.26
C THR A 181 -9.51 -12.05 -11.45
N LEU A 182 -8.97 -12.06 -12.65
CA LEU A 182 -9.81 -12.25 -13.83
C LEU A 182 -10.42 -13.64 -13.86
N VAL A 183 -9.61 -14.65 -13.54
CA VAL A 183 -10.10 -16.02 -13.42
C VAL A 183 -11.24 -16.10 -12.42
N SER A 184 -11.04 -15.50 -11.25
CA SER A 184 -12.04 -15.52 -10.20
C SER A 184 -13.34 -14.91 -10.67
N ARG A 185 -13.27 -13.94 -11.59
CA ARG A 185 -14.48 -13.29 -12.04
C ARG A 185 -15.13 -13.97 -13.25
N ARG A 186 -14.41 -14.83 -13.98
CA ARG A 186 -14.95 -15.31 -15.24
C ARG A 186 -14.94 -16.82 -15.44
N CYS A 187 -14.06 -17.56 -14.76
CA CYS A 187 -13.88 -18.97 -15.06
C CYS A 187 -14.66 -19.85 -14.11
N LYS A 188 -14.85 -21.10 -14.51
CA LYS A 188 -15.68 -22.03 -13.76
C LYS A 188 -14.92 -23.33 -13.58
N TYR A 189 -15.29 -24.04 -12.51
CA TYR A 189 -14.69 -25.36 -12.18
C TYR A 189 -15.73 -26.46 -12.41
N LYS A 190 -15.30 -27.58 -13.00
CA LYS A 190 -16.16 -28.77 -13.17
C LYS A 190 -15.27 -30.00 -13.10
N PHE A 191 -15.68 -31.01 -12.36
CA PHE A 191 -14.89 -32.26 -12.21
C PHE A 191 -15.20 -33.23 -13.37
N TYR A 192 -14.21 -33.96 -13.94
CA TYR A 192 -14.52 -34.91 -15.05
C TYR A 192 -13.42 -35.93 -15.44
N TYR A 193 -12.50 -36.32 -14.57
CA TYR A 193 -11.47 -37.34 -14.94
C TYR A 193 -10.74 -37.04 -16.26
N ASN A 194 -11.35 -37.30 -17.41
CA ASN A 194 -10.91 -37.18 -18.83
C ASN A 194 -9.46 -36.69 -19.10
N ASP A 195 -9.03 -35.54 -18.57
CA ASP A 195 -7.67 -34.93 -18.73
C ASP A 195 -7.37 -34.33 -20.12
N GLN A 196 -8.17 -34.53 -21.15
CA GLN A 196 -7.76 -33.93 -22.46
C GLN A 196 -7.95 -32.40 -22.42
N THR A 197 -6.85 -31.67 -22.57
CA THR A 197 -6.88 -30.18 -22.45
C THR A 197 -6.37 -29.49 -23.72
N PRO A 198 -7.02 -29.59 -24.89
CA PRO A 198 -6.59 -28.82 -26.04
C PRO A 198 -6.87 -27.38 -25.58
N ASN A 199 -5.86 -26.50 -25.68
CA ASN A 199 -5.99 -25.10 -25.19
C ASN A 199 -7.24 -24.43 -25.74
N ARG A 200 -7.40 -24.42 -27.06
CA ARG A 200 -8.58 -23.75 -27.66
C ARG A 200 -9.85 -24.33 -27.04
N GLU A 201 -9.92 -25.65 -26.88
CA GLU A 201 -11.10 -26.30 -26.32
C GLU A 201 -11.30 -25.94 -24.85
N ALA A 202 -10.25 -26.12 -24.03
CA ALA A 202 -10.35 -25.80 -22.62
C ALA A 202 -10.59 -24.31 -22.38
N LEU A 203 -10.08 -23.45 -23.27
CA LEU A 203 -10.33 -22.03 -23.12
C LEU A 203 -11.82 -21.72 -23.21
N LYS A 204 -12.54 -22.41 -24.09
CA LYS A 204 -13.98 -22.21 -24.17
C LYS A 204 -14.71 -22.85 -23.00
N LYS A 205 -14.37 -24.10 -22.65
CA LYS A 205 -15.04 -24.74 -21.52
C LYS A 205 -14.83 -23.94 -20.24
N MET A 206 -13.66 -23.32 -20.12
CA MET A 206 -13.26 -22.59 -18.92
C MET A 206 -14.31 -21.55 -18.51
N VAL A 207 -14.86 -20.85 -19.49
CA VAL A 207 -15.79 -19.77 -19.22
C VAL A 207 -17.24 -20.20 -19.39
N THR A 208 -17.49 -21.48 -19.66
CA THR A 208 -18.86 -21.99 -19.78
C THR A 208 -19.12 -23.10 -18.77
N ASP A 209 -18.92 -24.36 -19.16
CA ASP A 209 -19.19 -25.46 -18.24
C ASP A 209 -18.17 -25.53 -17.12
N GLY A 210 -16.92 -25.18 -17.40
CA GLY A 210 -15.84 -25.28 -16.43
C GLY A 210 -14.81 -26.32 -16.85
N ILE A 211 -13.66 -26.28 -16.15
CA ILE A 211 -12.62 -27.29 -16.34
C ILE A 211 -12.21 -27.83 -14.97
N ASN A 212 -11.57 -28.99 -14.98
CA ASN A 212 -11.08 -29.59 -13.74
C ASN A 212 -9.67 -29.05 -13.40
N CYS A 213 -9.11 -29.50 -12.27
CA CYS A 213 -7.90 -28.86 -11.78
C CYS A 213 -6.67 -29.28 -12.59
N THR A 214 -6.71 -30.46 -13.23
CA THR A 214 -5.62 -30.91 -14.07
C THR A 214 -5.54 -30.11 -15.36
N ASP A 215 -6.67 -29.95 -16.04
CA ASP A 215 -6.70 -29.05 -17.19
C ASP A 215 -6.35 -27.62 -16.78
N ALA A 216 -6.87 -27.16 -15.64
CA ALA A 216 -6.54 -25.82 -15.14
C ALA A 216 -5.03 -25.65 -14.97
N CYS A 217 -4.40 -26.55 -14.21
CA CYS A 217 -2.97 -26.46 -13.99
C CYS A 217 -2.18 -26.48 -15.29
N GLN A 218 -2.57 -27.33 -16.26
CA GLN A 218 -1.83 -27.40 -17.52
C GLN A 218 -2.11 -26.22 -18.42
N LEU A 219 -3.30 -25.61 -18.30
CA LEU A 219 -3.59 -24.41 -19.08
C LEU A 219 -2.86 -23.20 -18.52
N PHE A 220 -2.88 -23.03 -17.19
CA PHE A 220 -2.36 -21.78 -16.62
C PHE A 220 -0.86 -21.81 -16.35
N LYS A 221 -0.25 -22.97 -16.17
CA LYS A 221 1.21 -22.95 -15.95
C LYS A 221 1.95 -22.25 -17.08
N PRO A 222 1.73 -22.57 -18.36
CA PRO A 222 2.52 -21.89 -19.42
C PRO A 222 2.23 -20.41 -19.53
N VAL A 223 0.99 -19.97 -19.27
CA VAL A 223 0.68 -18.54 -19.31
C VAL A 223 1.44 -17.81 -18.22
N ILE A 224 1.39 -18.35 -16.99
CA ILE A 224 2.05 -17.70 -15.86
C ILE A 224 3.57 -17.76 -16.01
N GLU A 225 4.10 -18.86 -16.54
CA GLU A 225 5.52 -18.85 -16.87
C GLU A 225 5.85 -17.81 -17.92
N GLY A 226 4.99 -17.67 -18.93
CA GLY A 226 5.20 -16.69 -19.98
C GLY A 226 5.13 -15.25 -19.50
N LEU A 227 4.47 -15.01 -18.38
CA LEU A 227 4.57 -13.72 -17.71
C LEU A 227 5.90 -13.55 -16.99
N GLY A 228 6.70 -14.62 -16.83
CA GLY A 228 7.97 -14.50 -16.14
C GLY A 228 8.09 -15.15 -14.77
N TYR A 229 7.01 -15.78 -14.25
CA TYR A 229 7.02 -16.43 -12.95
C TYR A 229 7.55 -17.86 -13.04
N SER A 230 8.14 -18.32 -11.94
CA SER A 230 8.39 -19.75 -11.75
C SER A 230 7.08 -20.43 -11.35
N VAL A 231 6.80 -21.59 -11.92
CA VAL A 231 5.59 -22.34 -11.61
C VAL A 231 5.94 -23.82 -11.45
N ARG A 232 5.39 -24.46 -10.41
CA ARG A 232 5.52 -25.89 -10.24
C ARG A 232 4.16 -26.46 -9.86
N ILE A 233 3.78 -27.56 -10.48
CA ILE A 233 2.50 -28.18 -10.19
C ILE A 233 2.68 -29.08 -8.98
N GLU A 234 1.90 -28.85 -7.92
CA GLU A 234 1.99 -29.66 -6.72
C GLU A 234 0.77 -30.55 -6.60
N HIS A 235 1.01 -31.83 -6.31
CA HIS A 235 -0.04 -32.82 -6.03
C HIS A 235 -0.18 -32.90 -4.51
N VAL A 236 -1.38 -32.66 -4.00
CA VAL A 236 -1.61 -32.59 -2.57
C VAL A 236 -2.90 -33.36 -2.23
N LYS A 237 -3.08 -33.62 -0.94
CA LYS A 237 -4.38 -33.97 -0.39
C LYS A 237 -4.84 -32.79 0.45
N VAL A 238 -6.09 -32.37 0.27
CA VAL A 238 -6.67 -31.30 1.07
C VAL A 238 -7.93 -31.82 1.76
N ARG A 239 -8.17 -31.36 2.98
CA ARG A 239 -9.38 -31.69 3.71
C ARG A 239 -10.35 -30.52 3.65
N CYS A 240 -11.59 -30.80 3.23
CA CYS A 240 -12.60 -29.80 2.97
C CYS A 240 -13.61 -29.74 4.13
N ASN A 241 -14.66 -28.94 3.95
CA ASN A 241 -15.61 -28.66 5.03
C ASN A 241 -16.52 -29.84 5.34
N ASP A 242 -16.56 -30.85 4.47
CA ASP A 242 -17.15 -32.14 4.81
C ASP A 242 -16.21 -33.02 5.60
N ASN A 243 -15.03 -32.50 5.97
CA ASN A 243 -14.01 -33.23 6.71
C ASN A 243 -13.46 -34.45 5.96
N LYS A 244 -13.66 -34.53 4.64
CA LYS A 244 -13.10 -35.59 3.82
C LYS A 244 -11.88 -35.07 3.06
N TRP A 245 -10.97 -36.01 2.73
CA TRP A 245 -9.73 -35.69 2.02
C TRP A 245 -9.90 -35.93 0.53
N TYR A 246 -9.39 -35.00 -0.28
CA TYR A 246 -9.51 -35.05 -1.72
C TYR A 246 -8.12 -34.90 -2.32
N GLY A 247 -7.78 -35.73 -3.29
CA GLY A 247 -6.58 -35.47 -4.07
C GLY A 247 -6.80 -34.25 -4.93
N HIS A 248 -5.72 -33.50 -5.20
CA HIS A 248 -5.91 -32.15 -5.73
C HIS A 248 -4.58 -31.65 -6.27
N TYR A 249 -4.66 -30.88 -7.34
CA TYR A 249 -3.48 -30.27 -7.93
C TYR A 249 -3.68 -28.76 -7.87
N PHE A 250 -2.59 -28.02 -7.58
CA PHE A 250 -2.63 -26.58 -7.80
C PHE A 250 -1.23 -26.12 -8.18
N LEU A 251 -1.10 -24.83 -8.49
CA LEU A 251 0.18 -24.25 -8.89
C LEU A 251 0.88 -23.63 -7.69
N ARG A 252 2.18 -23.86 -7.61
CA ARG A 252 3.08 -23.14 -6.71
C ARG A 252 3.81 -22.11 -7.57
N VAL A 253 3.75 -20.85 -7.19
CA VAL A 253 4.23 -19.77 -8.02
C VAL A 253 5.20 -18.91 -7.23
N ALA A 254 6.32 -18.54 -7.88
CA ALA A 254 7.33 -17.67 -7.28
C ALA A 254 7.78 -16.67 -8.33
N GLY A 255 8.41 -15.58 -7.87
CA GLY A 255 8.91 -14.56 -8.76
C GLY A 255 8.06 -13.29 -8.71
N LYS A 256 8.66 -12.19 -9.16
CA LYS A 256 7.97 -10.89 -9.15
C LYS A 256 7.28 -10.62 -7.81
N GLU A 257 5.96 -10.33 -7.82
CA GLU A 257 5.29 -9.96 -6.58
C GLU A 257 4.98 -11.16 -5.67
N LEU A 258 5.14 -12.38 -6.16
CA LEU A 258 4.77 -13.54 -5.35
C LEU A 258 6.00 -14.02 -4.60
N ALA A 259 5.99 -15.29 -4.15
CA ALA A 259 7.02 -15.78 -3.23
C ALA A 259 8.42 -15.70 -3.83
N SER A 260 9.39 -15.51 -2.95
CA SER A 260 10.79 -15.56 -3.36
C SER A 260 11.14 -16.95 -3.89
N VAL A 261 11.67 -17.01 -5.11
CA VAL A 261 12.08 -18.27 -5.68
C VAL A 261 13.19 -18.95 -4.86
N SER A 262 13.90 -18.20 -4.01
CA SER A 262 14.87 -18.82 -3.10
C SER A 262 14.24 -19.76 -2.08
N LEU A 263 12.96 -19.57 -1.75
CA LEU A 263 12.29 -20.48 -0.83
C LEU A 263 12.19 -21.88 -1.44
N PRO A 264 12.08 -22.91 -0.60
CA PRO A 264 11.66 -24.22 -1.11
C PRO A 264 10.32 -24.08 -1.84
N SER A 265 10.17 -24.83 -2.93
CA SER A 265 8.95 -24.80 -3.73
C SER A 265 7.69 -25.03 -2.91
N GLU A 266 7.78 -25.92 -1.91
CA GLU A 266 6.60 -26.19 -1.07
C GLU A 266 6.17 -24.96 -0.28
N ARG A 267 6.97 -23.90 -0.29
CA ARG A 267 6.62 -22.64 0.37
C ARG A 267 6.33 -21.52 -0.63
N TRP A 268 6.27 -21.82 -1.92
CA TRP A 268 5.90 -20.79 -2.88
C TRP A 268 4.41 -20.42 -2.72
N THR A 269 3.97 -19.45 -3.50
CA THR A 269 2.58 -18.98 -3.37
C THR A 269 1.61 -20.01 -3.96
N VAL A 270 0.62 -20.40 -3.18
CA VAL A 270 -0.46 -21.20 -3.75
C VAL A 270 -1.31 -20.38 -4.72
N TRP A 271 -1.43 -20.86 -5.96
CA TRP A 271 -2.27 -20.27 -7.00
C TRP A 271 -3.20 -21.41 -7.40
N ASP A 272 -4.44 -21.39 -6.90
CA ASP A 272 -5.35 -22.53 -6.94
C ASP A 272 -6.60 -22.15 -7.72
N TYR A 273 -6.71 -22.69 -8.93
CA TYR A 273 -7.83 -22.41 -9.81
C TYR A 273 -9.17 -22.69 -9.13
N VAL A 274 -9.21 -23.63 -8.19
CA VAL A 274 -10.46 -23.99 -7.52
C VAL A 274 -10.79 -23.00 -6.41
N SER A 275 -9.77 -22.47 -5.73
CA SER A 275 -10.01 -21.35 -4.83
C SER A 275 -10.61 -20.16 -5.58
N ALA A 276 -10.11 -19.91 -6.80
CA ALA A 276 -10.51 -18.74 -7.55
C ALA A 276 -11.95 -18.86 -8.06
N THR A 277 -12.35 -20.05 -8.52
CA THR A 277 -13.59 -20.22 -9.26
C THR A 277 -14.70 -20.95 -8.53
N LYS A 278 -14.41 -21.63 -7.42
CA LYS A 278 -15.40 -22.45 -6.77
C LYS A 278 -15.53 -22.09 -5.30
N THR A 279 -14.47 -22.24 -4.51
CA THR A 279 -14.60 -22.06 -3.07
C THR A 279 -14.34 -20.63 -2.60
N GLY A 280 -14.13 -19.69 -3.51
CA GLY A 280 -13.91 -18.29 -3.16
C GLY A 280 -12.83 -18.01 -2.13
N ARG A 281 -11.65 -18.59 -2.31
CA ARG A 281 -10.59 -18.26 -1.38
C ARG A 281 -9.56 -17.36 -2.08
N PRO A 282 -8.79 -16.56 -1.35
CA PRO A 282 -7.87 -15.62 -2.01
C PRO A 282 -6.64 -16.34 -2.56
N LEU A 283 -6.01 -15.68 -3.54
CA LEU A 283 -4.69 -16.09 -4.02
C LEU A 283 -3.76 -16.31 -2.85
N GLY A 284 -3.07 -17.45 -2.84
CA GLY A 284 -2.27 -17.84 -1.71
C GLY A 284 -2.89 -18.91 -0.85
N ALA A 285 -4.17 -19.16 -1.00
CA ALA A 285 -4.87 -20.12 -0.12
C ALA A 285 -5.30 -21.33 -0.91
N PRO A 286 -5.09 -22.54 -0.39
CA PRO A 286 -5.62 -23.75 -1.04
C PRO A 286 -7.15 -23.74 -1.01
N CYS A 287 -7.76 -24.55 -1.88
CA CYS A 287 -9.21 -24.46 -2.07
C CYS A 287 -9.98 -24.90 -0.83
N CYS A 288 -9.39 -25.73 0.03
CA CYS A 288 -9.98 -26.15 1.29
C CYS A 288 -8.99 -25.86 2.40
N SER A 289 -9.53 -25.60 3.59
CA SER A 289 -8.75 -25.01 4.69
C SER A 289 -8.54 -25.95 5.88
N ARG A 290 -9.01 -27.19 5.83
CA ARG A 290 -8.96 -28.02 7.03
C ARG A 290 -7.79 -29.01 7.03
N GLY A 291 -6.77 -28.79 6.21
CA GLY A 291 -5.61 -29.65 6.22
C GLY A 291 -5.04 -29.85 4.83
N ILE A 292 -3.73 -30.03 4.77
CA ILE A 292 -3.04 -30.16 3.48
C ILE A 292 -1.84 -31.05 3.68
N GLN A 293 -1.64 -31.97 2.75
CA GLN A 293 -0.49 -32.88 2.78
C GLN A 293 0.10 -32.93 1.39
N HIS A 294 1.44 -32.86 1.31
CA HIS A 294 2.12 -32.97 0.04
C HIS A 294 2.16 -34.43 -0.40
N LEU A 295 1.79 -34.69 -1.65
CA LEU A 295 1.91 -36.01 -2.26
C LEU A 295 3.07 -36.11 -3.22
N GLY A 296 3.28 -35.11 -4.07
CA GLY A 296 4.33 -35.19 -5.07
C GLY A 296 4.36 -33.93 -5.89
N TRP A 297 5.30 -33.88 -6.82
CA TRP A 297 5.40 -32.79 -7.79
C TRP A 297 5.07 -33.28 -9.19
N GLY A 298 4.34 -32.44 -9.92
CA GLY A 298 3.95 -32.76 -11.28
C GLY A 298 2.67 -33.58 -11.30
N ILE A 299 2.11 -33.70 -12.50
CA ILE A 299 0.86 -34.43 -12.68
C ILE A 299 1.17 -35.90 -12.92
N VAL A 300 0.51 -36.78 -12.18
CA VAL A 300 0.70 -38.21 -12.38
C VAL A 300 -0.02 -38.61 -13.66
N SER A 301 0.72 -39.07 -14.65
CA SER A 301 0.12 -39.55 -15.89
C SER A 301 -0.11 -41.05 -15.78
N PRO A 302 -1.35 -41.52 -15.67
CA PRO A 302 -1.59 -42.95 -15.43
C PRO A 302 -1.18 -43.81 -16.62
N LYS A 303 -0.70 -45.02 -16.31
CA LYS A 303 -0.22 -45.93 -17.34
C LYS A 303 -1.06 -47.22 -17.43
N MET B 1 -6.71 65.94 20.50
CA MET B 1 -6.09 65.00 19.56
C MET B 1 -5.02 64.17 20.26
N ARG B 2 -4.81 62.95 19.77
CA ARG B 2 -3.80 62.07 20.35
C ARG B 2 -2.41 62.69 20.25
N SER B 3 -1.57 62.40 21.25
CA SER B 3 -0.18 62.83 21.19
C SER B 3 0.57 62.10 20.09
N ASN B 4 1.41 62.83 19.36
CA ASN B 4 2.24 62.25 18.33
C ASN B 4 3.55 61.69 18.85
N SER B 5 3.95 62.10 20.05
CA SER B 5 5.19 61.60 20.60
C SER B 5 5.18 61.90 22.10
N VAL B 6 6.08 61.27 22.83
CA VAL B 6 6.27 61.56 24.24
C VAL B 6 7.76 61.76 24.49
N ASN B 7 8.07 62.47 25.58
CA ASN B 7 9.49 62.62 25.92
C ASN B 7 9.99 61.38 26.64
N ILE B 8 11.31 61.28 26.78
CA ILE B 8 11.90 60.05 27.32
C ILE B 8 11.49 59.83 28.77
N GLU B 9 11.28 60.89 29.55
CA GLU B 9 10.88 60.69 30.95
C GLU B 9 9.46 60.13 31.01
N THR B 10 8.56 60.70 30.21
CA THR B 10 7.21 60.17 30.13
C THR B 10 7.21 58.72 29.66
N PHE B 11 8.01 58.41 28.65
CA PHE B 11 8.03 57.04 28.14
C PHE B 11 8.55 56.07 29.19
N LYS B 12 9.61 56.43 29.93
CA LYS B 12 10.13 55.55 30.96
C LYS B 12 9.10 55.34 32.08
N ASP B 13 8.29 56.36 32.35
CA ASP B 13 7.23 56.22 33.33
C ASP B 13 6.12 55.28 32.85
N MET B 14 5.68 55.43 31.59
CA MET B 14 4.73 54.47 31.01
C MET B 14 5.29 53.05 31.04
N LEU B 15 6.56 52.89 30.71
CA LEU B 15 7.15 51.57 30.71
C LEU B 15 7.15 50.97 32.11
N LYS B 16 7.39 51.80 33.12
CA LYS B 16 7.38 51.32 34.50
C LYS B 16 6.01 50.80 34.89
N ARG B 17 4.97 51.60 34.64
CA ARG B 17 3.61 51.21 34.99
C ARG B 17 3.11 50.06 34.15
N TYR B 18 3.58 49.96 32.90
CA TYR B 18 3.29 48.80 32.08
C TYR B 18 3.85 47.53 32.72
N GLU B 19 5.13 47.57 33.14
CA GLU B 19 5.72 46.39 33.77
C GLU B 19 5.05 46.06 35.10
N ASP B 20 4.69 47.08 35.87
CA ASP B 20 4.01 46.83 37.14
C ASP B 20 2.67 46.12 36.90
N PHE B 21 1.89 46.63 35.95
CA PHE B 21 0.59 46.04 35.60
C PHE B 21 0.76 44.55 35.28
N LYS B 22 1.77 44.24 34.48
CA LYS B 22 2.08 42.87 34.07
C LYS B 22 2.31 41.99 35.30
N MET B 23 3.22 42.42 36.17
CA MET B 23 3.54 41.62 37.38
C MET B 23 2.28 41.50 38.26
N LYS B 24 1.56 42.59 38.40
CA LYS B 24 0.36 42.59 39.26
C LYS B 24 -0.77 41.75 38.65
N ASN B 25 -1.14 41.96 37.39
CA ASN B 25 -2.34 41.30 36.84
C ASN B 25 -2.06 40.07 35.97
N LYS B 26 -0.78 39.71 35.78
CA LYS B 26 -0.38 38.53 35.00
C LYS B 26 -0.84 38.61 33.53
N ARG B 27 -1.06 39.82 33.03
CA ARG B 27 -1.38 40.03 31.61
C ARG B 27 -0.95 41.44 31.26
N GLU B 28 -0.76 41.67 29.95
CA GLU B 28 -0.47 43.04 29.55
C GLU B 28 -1.75 43.88 29.61
N PRO B 29 -1.63 45.16 29.93
CA PRO B 29 -2.78 46.05 29.80
C PRO B 29 -3.10 46.35 28.35
N ARG B 30 -4.41 46.51 28.05
CA ARG B 30 -4.78 46.80 26.66
C ARG B 30 -4.51 48.26 26.28
N VAL B 31 -4.44 49.16 27.25
CA VAL B 31 -4.02 50.54 27.03
C VAL B 31 -3.02 50.91 28.12
N ILE B 32 -2.15 51.88 27.80
CA ILE B 32 -1.18 52.39 28.74
C ILE B 32 -1.39 53.89 28.85
N PHE B 33 -1.69 54.36 30.05
CA PHE B 33 -1.97 55.77 30.24
C PHE B 33 -0.67 56.56 30.19
N ILE B 34 -0.69 57.68 29.44
CA ILE B 34 0.51 58.49 29.32
C ILE B 34 0.93 59.04 30.69
N ARG B 35 -0.05 59.48 31.48
CA ARG B 35 0.14 59.88 32.88
C ARG B 35 -0.68 58.94 33.76
N SER B 36 -0.14 58.57 34.92
CA SER B 36 -0.76 57.55 35.76
C SER B 36 -2.19 57.93 36.14
N GLY B 37 -2.38 59.15 36.63
CA GLY B 37 -3.72 59.68 36.70
C GLY B 37 -3.91 60.59 35.51
N GLY B 38 -4.43 60.03 34.41
CA GLY B 38 -4.49 60.76 33.15
C GLY B 38 -5.63 60.26 32.30
N GLY B 39 -6.01 61.08 31.33
CA GLY B 39 -7.02 60.68 30.38
C GLY B 39 -6.44 59.87 29.24
N GLU B 40 -5.52 60.47 28.49
CA GLU B 40 -5.05 59.86 27.24
C GLU B 40 -4.28 58.58 27.50
N SER B 41 -4.65 57.54 26.76
CA SER B 41 -3.93 56.27 26.79
C SER B 41 -3.45 55.92 25.38
N ILE B 42 -2.45 55.05 25.33
CA ILE B 42 -1.86 54.53 24.09
C ILE B 42 -2.21 53.05 24.00
N PRO B 43 -2.76 52.57 22.87
CA PRO B 43 -3.11 51.14 22.78
C PRO B 43 -1.88 50.27 22.90
N LEU B 44 -2.09 49.09 23.47
CA LEU B 44 -0.99 48.16 23.74
C LEU B 44 -0.09 47.93 22.53
N GLU B 45 -0.68 47.68 21.34
CA GLU B 45 0.23 47.34 20.23
C GLU B 45 1.01 48.55 19.72
N THR B 46 0.43 49.74 19.80
CA THR B 46 1.21 50.95 19.52
C THR B 46 2.34 51.10 20.52
N PHE B 47 2.03 50.89 21.81
CA PHE B 47 3.04 51.00 22.85
C PHE B 47 4.14 49.97 22.68
N ARG B 48 3.79 48.73 22.30
CA ARG B 48 4.83 47.74 22.06
C ARG B 48 5.76 48.15 20.91
N ASP B 49 5.21 48.84 19.89
CA ASP B 49 6.06 49.35 18.81
C ASP B 49 6.94 50.48 19.31
N MET B 50 6.43 51.31 20.23
CA MET B 50 7.25 52.34 20.83
C MET B 50 8.45 51.72 21.54
N VAL B 51 8.20 50.66 22.31
CA VAL B 51 9.27 50.01 23.06
C VAL B 51 10.30 49.42 22.10
N ARG B 52 9.83 48.79 21.02
CA ARG B 52 10.74 48.18 20.03
C ARG B 52 11.65 49.23 19.39
N ARG B 53 11.06 50.35 18.94
CA ARG B 53 11.87 51.43 18.38
C ARG B 53 12.84 52.01 19.41
N TYR B 54 12.38 52.14 20.65
CA TYR B 54 13.25 52.61 21.72
C TYR B 54 14.44 51.67 21.94
N ASN B 55 14.19 50.36 21.98
CA ASN B 55 15.25 49.38 22.19
C ASN B 55 16.20 49.31 21.00
N ASN B 56 15.65 49.44 19.79
CA ASN B 56 16.48 49.50 18.58
C ASN B 56 17.40 50.72 18.60
N PHE B 57 16.89 51.85 19.09
CA PHE B 57 17.67 53.08 19.14
C PHE B 57 18.83 52.95 20.11
N LYS B 58 18.54 52.52 21.35
CA LYS B 58 19.61 52.26 22.32
C LYS B 58 20.62 51.28 21.76
N ASP B 59 20.15 50.19 21.15
CA ASP B 59 21.08 49.21 20.60
C ASP B 59 21.98 49.83 19.54
N ARG B 60 21.46 50.80 18.77
CA ARG B 60 22.25 51.36 17.69
C ARG B 60 23.18 52.46 18.17
N TYR B 61 22.68 53.38 19.02
CA TYR B 61 23.41 54.59 19.38
C TYR B 61 24.01 54.55 20.78
N GLY B 62 23.77 53.48 21.55
CA GLY B 62 24.32 53.41 22.89
C GLY B 62 23.84 54.51 23.81
N ARG B 63 22.71 55.13 23.51
CA ARG B 63 22.11 56.17 24.33
C ARG B 63 20.60 56.17 24.11
N GLU B 64 19.90 56.74 25.04
CA GLU B 64 18.44 56.78 24.97
C GLU B 64 17.98 57.90 24.03
N PRO B 65 16.83 57.73 23.39
CA PRO B 65 16.35 58.77 22.48
C PRO B 65 15.80 59.93 23.26
N ARG B 66 15.72 61.07 22.61
CA ARG B 66 15.17 62.31 23.21
C ARG B 66 13.65 62.30 23.12
N ILE B 67 13.10 61.53 22.20
CA ILE B 67 11.68 61.53 21.90
C ILE B 67 11.31 60.15 21.39
N VAL B 68 10.11 59.68 21.73
CA VAL B 68 9.63 58.39 21.26
C VAL B 68 8.31 58.66 20.53
N TYR B 69 8.28 58.35 19.23
CA TYR B 69 7.08 58.68 18.46
C TYR B 69 5.95 57.68 18.74
N VAL B 70 4.72 58.15 18.63
CA VAL B 70 3.52 57.34 18.82
C VAL B 70 2.96 57.03 17.45
N THR B 71 3.06 55.78 17.03
CA THR B 71 2.71 55.38 15.66
C THR B 71 2.03 54.01 15.68
N PRO B 72 0.83 53.89 15.10
CA PRO B 72 0.16 52.59 15.10
C PRO B 72 0.99 51.55 14.40
N PRO B 73 0.82 50.26 14.74
CA PRO B 73 1.64 49.21 14.13
C PRO B 73 1.35 49.10 12.64
N GLU B 74 2.35 48.61 11.90
CA GLU B 74 2.31 48.61 10.44
C GLU B 74 1.90 47.26 9.91
N PRO B 75 1.58 47.17 8.61
CA PRO B 75 1.25 45.87 8.01
C PRO B 75 2.45 44.94 8.03
N PRO B 76 2.22 43.64 7.90
CA PRO B 76 3.34 42.69 7.80
C PRO B 76 4.05 42.86 6.45
N VAL B 77 5.23 42.27 6.36
CA VAL B 77 5.91 42.26 5.06
C VAL B 77 6.08 40.82 4.55
N PRO B 78 5.86 40.54 3.26
CA PRO B 78 6.00 39.15 2.77
C PRO B 78 7.46 38.70 2.70
N GLU B 79 7.65 37.38 2.64
CA GLU B 79 9.00 36.79 2.52
C GLU B 79 8.93 35.64 1.52
N VAL B 80 9.23 35.94 0.26
CA VAL B 80 9.08 35.00 -0.84
C VAL B 80 10.15 33.91 -0.82
N ASN B 81 11.25 34.11 -0.12
CA ASN B 81 12.26 33.06 -0.06
C ASN B 81 12.18 32.23 1.21
N GLU B 82 11.13 32.40 2.00
CA GLU B 82 10.89 31.56 3.16
C GLU B 82 9.60 30.80 2.94
N ASN B 83 9.67 29.49 3.06
CA ASN B 83 8.48 28.63 3.01
C ASN B 83 7.87 28.46 4.39
N THR B 84 6.56 28.29 4.42
CA THR B 84 5.94 27.79 5.64
C THR B 84 6.55 26.42 5.99
N PRO B 85 7.12 26.25 7.17
CA PRO B 85 7.90 25.05 7.47
C PRO B 85 7.05 23.87 7.92
N GLU B 86 7.64 22.67 7.79
CA GLU B 86 6.96 21.46 8.25
C GLU B 86 6.73 21.47 9.75
N TYR B 87 7.65 22.10 10.50
CA TYR B 87 7.58 22.16 11.96
C TYR B 87 8.21 23.46 12.42
N VAL B 88 7.97 23.80 13.67
CA VAL B 88 8.64 24.92 14.33
C VAL B 88 9.23 24.38 15.63
N SER B 89 10.29 25.03 16.10
CA SER B 89 10.81 24.76 17.43
C SER B 89 9.81 25.17 18.50
N ILE B 90 10.00 24.62 19.71
CA ILE B 90 9.15 24.99 20.84
C ILE B 90 9.31 26.47 21.13
N THR B 91 10.52 27.01 20.94
CA THR B 91 10.75 28.42 21.15
C THR B 91 9.83 29.24 20.23
N GLN B 92 9.81 28.87 18.95
CA GLN B 92 9.00 29.66 18.02
C GLN B 92 7.53 29.41 18.24
N PHE B 93 7.14 28.17 18.53
CA PHE B 93 5.73 27.90 18.81
C PHE B 93 5.22 28.75 19.97
N LYS B 94 6.01 28.88 21.02
CA LYS B 94 5.49 29.65 22.16
C LYS B 94 5.42 31.13 21.83
N ASP B 95 6.34 31.60 20.96
CA ASP B 95 6.22 32.95 20.49
C ASP B 95 5.00 33.11 19.61
N MET B 96 4.71 32.13 18.74
CA MET B 96 3.48 32.23 17.95
C MET B 96 2.26 32.30 18.87
N LEU B 97 2.26 31.47 19.91
CA LEU B 97 1.12 31.42 20.85
C LEU B 97 0.97 32.72 21.61
N SER B 98 2.11 33.31 22.01
CA SER B 98 2.09 34.58 22.71
C SER B 98 1.47 35.67 21.85
N ARG B 99 1.77 35.68 20.54
CA ARG B 99 1.19 36.68 19.65
C ARG B 99 -0.27 36.38 19.34
N TYR B 100 -0.63 35.10 19.20
CA TYR B 100 -2.04 34.76 19.02
C TYR B 100 -2.87 35.21 20.23
N ASN B 101 -2.38 34.97 21.45
CA ASN B 101 -3.12 35.38 22.64
C ASN B 101 -3.23 36.89 22.77
N ARG B 102 -2.18 37.61 22.39
CA ARG B 102 -2.26 39.06 22.47
C ARG B 102 -3.23 39.59 21.43
N PHE B 103 -3.26 38.96 20.27
CA PHE B 103 -4.20 39.39 19.22
C PHE B 103 -5.63 39.26 19.75
N LYS B 104 -5.96 38.12 20.35
CA LYS B 104 -7.30 37.94 20.90
C LYS B 104 -7.60 39.00 21.96
N GLU B 105 -6.63 39.28 22.85
CA GLU B 105 -6.85 40.17 23.98
C GLU B 105 -7.11 41.58 23.50
N VAL B 106 -6.32 42.03 22.50
CA VAL B 106 -6.38 43.38 21.98
C VAL B 106 -7.60 43.58 21.10
N ASN B 107 -7.91 42.59 20.27
CA ASN B 107 -8.88 42.77 19.19
C ASN B 107 -10.21 42.09 19.46
N GLY B 108 -10.25 41.18 20.44
CA GLY B 108 -11.50 40.53 20.79
C GLY B 108 -11.98 39.54 19.74
N ARG B 109 -11.08 39.02 18.92
CA ARG B 109 -11.40 37.97 17.97
C ARG B 109 -10.11 37.24 17.65
N GLU B 110 -10.24 36.07 16.97
CA GLU B 110 -9.06 35.32 16.57
C GLU B 110 -8.54 35.82 15.22
N PRO B 111 -7.23 35.80 15.00
CA PRO B 111 -6.70 36.23 13.69
C PRO B 111 -6.99 35.14 12.69
N ARG B 112 -6.99 35.50 11.40
CA ARG B 112 -7.28 34.51 10.33
C ARG B 112 -6.07 33.63 10.05
N VAL B 113 -4.88 34.19 10.27
CA VAL B 113 -3.62 33.44 10.15
C VAL B 113 -2.72 33.84 11.31
N VAL B 114 -1.71 33.02 11.56
CA VAL B 114 -0.69 33.30 12.57
C VAL B 114 0.68 33.26 11.89
N PHE B 115 1.41 34.37 11.93
CA PHE B 115 2.71 34.40 11.27
C PHE B 115 3.72 33.56 12.08
N ILE B 116 4.54 32.80 11.38
CA ILE B 116 5.61 32.03 12.05
C ILE B 116 6.49 32.98 12.85
N TYR B 117 7.02 34.01 12.19
CA TYR B 117 7.85 35.01 12.83
C TYR B 117 7.09 36.32 12.99
N SER B 118 7.40 37.05 14.06
CA SER B 118 6.79 38.35 14.21
C SER B 118 7.15 39.25 13.03
N GLY B 119 6.21 40.08 12.57
CA GLY B 119 6.52 41.07 11.56
C GLY B 119 6.16 40.69 10.13
N GLY B 120 5.91 39.44 9.84
CA GLY B 120 5.60 39.07 8.48
C GLY B 120 6.33 37.81 8.09
N GLY B 121 6.19 37.43 6.82
CA GLY B 121 6.79 36.21 6.35
C GLY B 121 5.77 35.10 6.27
N PRO B 122 6.21 33.85 6.38
CA PRO B 122 5.27 32.74 6.22
C PRO B 122 4.28 32.73 7.37
N SER B 123 3.11 32.14 7.14
CA SER B 123 2.07 32.09 8.17
C SER B 123 1.33 30.76 8.04
N VAL B 124 0.62 30.38 9.10
CA VAL B 124 -0.28 29.23 9.04
C VAL B 124 -1.70 29.75 9.20
N SER B 125 -2.66 28.99 8.68
CA SER B 125 -4.05 29.38 8.90
C SER B 125 -4.41 29.23 10.39
N LEU B 126 -5.45 29.97 10.81
CA LEU B 126 -5.98 29.78 12.16
C LEU B 126 -6.25 28.29 12.41
N GLU B 127 -6.87 27.62 11.45
CA GLU B 127 -7.21 26.18 11.57
C GLU B 127 -5.95 25.36 11.85
N THR B 128 -4.90 25.57 11.06
CA THR B 128 -3.64 24.84 11.28
C THR B 128 -3.09 25.15 12.66
N PHE B 129 -3.15 26.42 13.09
CA PHE B 129 -2.57 26.77 14.37
C PHE B 129 -3.31 26.11 15.53
N LYS B 130 -4.64 26.08 15.45
CA LYS B 130 -5.43 25.36 16.44
C LYS B 130 -5.04 23.88 16.48
N ASP B 131 -4.79 23.30 15.30
CA ASP B 131 -4.36 21.90 15.26
C ASP B 131 -2.98 21.76 15.91
N MET B 132 -2.10 22.72 15.71
CA MET B 132 -0.77 22.67 16.34
C MET B 132 -0.94 22.70 17.86
N CYS B 133 -1.77 23.61 18.35
CA CYS B 133 -2.02 23.75 19.79
C CYS B 133 -2.60 22.47 20.39
N LYS B 134 -3.50 21.80 19.66
CA LYS B 134 -4.09 20.57 20.17
C LYS B 134 -3.03 19.48 20.31
N ARG B 135 -2.21 19.29 19.27
CA ARG B 135 -1.18 18.26 19.34
C ARG B 135 -0.10 18.64 20.36
N TYR B 136 0.15 19.93 20.57
CA TYR B 136 1.05 20.36 21.62
C TYR B 136 0.49 19.98 22.98
N ASN B 137 -0.80 20.23 23.18
CA ASN B 137 -1.44 19.91 24.45
C ASN B 137 -1.45 18.41 24.68
N GLN B 138 -1.70 17.63 23.64
CA GLN B 138 -1.67 16.18 23.76
C GLN B 138 -0.29 15.67 24.15
N PHE B 139 0.76 16.26 23.59
CA PHE B 139 2.12 15.85 23.95
C PHE B 139 2.40 16.17 25.40
N LEU B 140 2.00 17.35 25.85
CA LEU B 140 2.13 17.72 27.24
C LEU B 140 1.41 16.73 28.16
N GLU B 141 0.31 16.13 27.68
CA GLU B 141 -0.42 15.13 28.46
C GLU B 141 0.32 13.81 28.50
N GLU B 142 0.54 13.20 27.34
CA GLU B 142 1.14 11.87 27.28
C GLU B 142 2.50 11.86 27.95
N ASN B 143 3.43 12.66 27.46
CA ASN B 143 4.67 12.91 28.16
C ASN B 143 4.36 13.93 29.26
N ARG B 144 5.36 14.36 30.01
CA ARG B 144 5.06 15.31 31.06
C ARG B 144 5.95 16.53 30.95
N ARG B 145 6.25 16.90 29.71
CA ARG B 145 7.20 17.95 29.38
C ARG B 145 6.81 18.54 28.03
N GLU B 146 7.32 19.74 27.76
CA GLU B 146 7.10 20.36 26.46
C GLU B 146 7.90 19.62 25.39
N PRO B 147 7.36 19.48 24.19
CA PRO B 147 8.14 18.89 23.10
C PRO B 147 9.22 19.87 22.68
N ARG B 148 10.21 19.39 21.92
CA ARG B 148 11.22 20.31 21.40
C ARG B 148 10.82 20.93 20.06
N ILE B 149 9.97 20.26 19.29
CA ILE B 149 9.41 20.81 18.06
C ILE B 149 7.90 20.55 18.04
N VAL B 150 7.20 21.37 17.25
CA VAL B 150 5.75 21.24 17.08
C VAL B 150 5.52 21.23 15.57
N TYR B 151 4.94 20.14 15.05
CA TYR B 151 4.74 20.03 13.61
C TYR B 151 3.60 20.96 13.18
N VAL B 152 3.88 21.73 12.12
CA VAL B 152 2.83 22.43 11.39
C VAL B 152 1.97 21.41 10.64
N THR B 153 2.61 20.48 9.94
CA THR B 153 1.94 19.39 9.25
C THR B 153 2.61 18.09 9.69
N PRO B 154 1.96 17.23 10.48
CA PRO B 154 2.61 15.98 10.91
C PRO B 154 3.08 15.17 9.72
N PRO B 155 4.26 14.55 9.81
CA PRO B 155 4.76 13.78 8.66
C PRO B 155 3.81 12.67 8.23
N GLU B 156 3.70 12.51 6.91
CA GLU B 156 2.99 11.45 6.21
C GLU B 156 4.01 10.66 5.39
N PRO B 157 3.74 9.39 5.10
CA PRO B 157 4.77 8.56 4.45
C PRO B 157 5.03 9.01 3.03
N PRO B 158 6.29 9.02 2.60
CA PRO B 158 6.58 9.41 1.21
C PRO B 158 5.91 8.48 0.21
N VAL B 159 5.27 9.07 -0.77
CA VAL B 159 4.33 8.32 -1.61
C VAL B 159 5.01 7.39 -2.62
N PRO B 160 6.05 7.80 -3.34
CA PRO B 160 6.64 6.86 -4.33
C PRO B 160 7.11 5.54 -3.72
N GLU B 161 7.72 5.59 -2.54
CA GLU B 161 8.18 4.35 -1.92
C GLU B 161 7.00 3.49 -1.46
N GLU B 162 5.93 4.12 -0.97
CA GLU B 162 4.76 3.34 -0.55
C GLU B 162 4.16 2.61 -1.75
N VAL B 163 4.03 3.29 -2.90
CA VAL B 163 3.48 2.66 -4.09
C VAL B 163 4.40 1.51 -4.53
N ARG B 164 5.71 1.77 -4.54
CA ARG B 164 6.68 0.74 -4.95
C ARG B 164 6.57 -0.49 -4.04
N GLU B 165 6.52 -0.29 -2.72
CA GLU B 165 6.41 -1.44 -1.82
C GLU B 165 5.08 -2.16 -1.99
N MET B 166 3.99 -1.45 -2.23
CA MET B 166 2.74 -2.16 -2.44
C MET B 166 2.76 -2.92 -3.75
N ARG B 167 3.41 -2.36 -4.77
CA ARG B 167 3.43 -3.04 -6.06
C ARG B 167 4.30 -4.29 -5.97
N ARG B 168 5.21 -4.32 -5.01
CA ARG B 168 6.07 -5.51 -4.81
C ARG B 168 5.25 -6.62 -4.15
N VAL B 169 4.08 -6.31 -3.60
CA VAL B 169 3.24 -7.31 -2.97
C VAL B 169 2.03 -7.68 -3.81
N LEU B 170 1.42 -6.71 -4.49
CA LEU B 170 0.22 -6.97 -5.28
C LEU B 170 0.48 -6.94 -6.77
N GLY B 171 1.69 -6.60 -7.21
CA GLY B 171 1.94 -6.45 -8.63
C GLY B 171 1.54 -5.08 -9.10
N GLU B 172 1.76 -4.85 -10.40
CA GLU B 172 1.41 -3.57 -11.00
C GLU B 172 -0.10 -3.31 -10.88
N PHE B 173 -0.43 -2.05 -10.69
CA PHE B 173 -1.81 -1.60 -10.81
C PHE B 173 -1.76 -0.10 -11.08
N LYS B 174 -2.80 0.41 -11.72
CA LYS B 174 -2.83 1.81 -12.10
C LYS B 174 -4.03 2.60 -11.58
N THR B 175 -5.15 1.96 -11.24
CA THR B 175 -6.35 2.68 -10.80
C THR B 175 -6.76 2.19 -9.42
N ALA B 176 -7.57 3.02 -8.73
CA ALA B 176 -8.07 2.60 -7.42
C ALA B 176 -9.11 1.50 -7.55
N THR B 177 -9.84 1.46 -8.67
CA THR B 177 -10.78 0.36 -8.88
C THR B 177 -10.01 -0.95 -9.10
N GLN B 178 -8.99 -0.93 -9.94
CA GLN B 178 -8.21 -2.15 -10.13
C GLN B 178 -7.55 -2.60 -8.83
N LEU B 179 -6.99 -1.67 -8.05
CA LEU B 179 -6.36 -2.04 -6.79
C LEU B 179 -7.37 -2.70 -5.84
N TYR B 180 -8.56 -2.11 -5.67
CA TYR B 180 -9.60 -2.75 -4.84
C TYR B 180 -9.84 -4.19 -5.26
N THR B 181 -9.94 -4.41 -6.56
CA THR B 181 -10.21 -5.75 -7.10
C THR B 181 -9.08 -6.70 -6.71
N LEU B 182 -7.84 -6.28 -6.89
CA LEU B 182 -6.70 -7.11 -6.50
C LEU B 182 -6.73 -7.40 -5.01
N VAL B 183 -6.97 -6.36 -4.21
CA VAL B 183 -7.09 -6.53 -2.75
C VAL B 183 -8.16 -7.56 -2.40
N SER B 184 -9.30 -7.53 -3.10
CA SER B 184 -10.41 -8.41 -2.74
C SER B 184 -10.08 -9.87 -3.01
N ARG B 185 -9.12 -10.15 -3.89
CA ARG B 185 -8.76 -11.53 -4.21
C ARG B 185 -7.44 -11.95 -3.60
N ARG B 186 -6.81 -11.10 -2.79
CA ARG B 186 -5.46 -11.47 -2.28
C ARG B 186 -5.24 -11.11 -0.81
N CYS B 187 -5.86 -10.04 -0.31
CA CYS B 187 -5.51 -9.60 1.04
C CYS B 187 -6.51 -10.12 2.06
N LYS B 188 -6.13 -9.98 3.32
CA LYS B 188 -6.92 -10.57 4.39
C LYS B 188 -7.10 -9.58 5.52
N TYR B 189 -8.23 -9.74 6.21
CA TYR B 189 -8.61 -8.86 7.33
C TYR B 189 -8.47 -9.60 8.66
N LYS B 190 -7.89 -8.95 9.66
CA LYS B 190 -7.77 -9.51 11.02
C LYS B 190 -8.09 -8.39 12.00
N PHE B 191 -8.99 -8.67 12.93
CA PHE B 191 -9.39 -7.69 13.96
C PHE B 191 -8.36 -7.66 15.08
N TYR B 192 -7.76 -6.50 15.33
CA TYR B 192 -6.85 -6.32 16.44
C TYR B 192 -6.79 -4.84 16.76
N TYR B 193 -6.51 -4.54 18.03
CA TYR B 193 -6.49 -3.17 18.52
C TYR B 193 -5.08 -2.60 18.59
N ASN B 194 -4.19 -3.03 17.70
CA ASN B 194 -2.84 -2.49 17.70
C ASN B 194 -2.89 -1.13 17.03
N ASP B 195 -2.95 -0.07 17.85
CA ASP B 195 -2.81 1.28 17.32
C ASP B 195 -1.52 1.32 16.52
N GLN B 196 -1.65 1.52 15.21
CA GLN B 196 -0.62 1.33 14.19
C GLN B 196 0.14 0.01 14.29
N THR B 197 1.11 -0.14 13.38
CA THR B 197 2.00 -1.23 12.99
C THR B 197 2.65 -0.92 11.63
N PRO B 198 2.15 0.10 10.81
CA PRO B 198 2.49 0.10 9.38
C PRO B 198 3.98 0.22 9.09
N ASN B 199 4.68 -0.90 9.03
CA ASN B 199 6.07 -0.87 8.50
C ASN B 199 6.04 -1.85 7.33
N ARG B 200 7.11 -2.59 7.09
CA ARG B 200 7.02 -3.59 5.99
C ARG B 200 6.19 -4.77 6.49
N GLU B 201 6.36 -5.14 7.77
CA GLU B 201 5.65 -6.26 8.38
C GLU B 201 4.15 -6.22 8.09
N ALA B 202 3.57 -5.02 8.11
CA ALA B 202 2.16 -4.86 7.77
C ALA B 202 1.84 -5.43 6.38
N LEU B 203 2.70 -5.17 5.40
CA LEU B 203 2.46 -5.68 4.05
C LEU B 203 2.55 -7.20 4.02
N LYS B 204 3.41 -7.79 4.84
CA LYS B 204 3.49 -9.25 4.93
C LYS B 204 2.26 -9.81 5.62
N LYS B 205 1.85 -9.21 6.74
CA LYS B 205 0.64 -9.66 7.42
C LYS B 205 -0.58 -9.56 6.51
N MET B 206 -0.63 -8.52 5.67
CA MET B 206 -1.73 -8.33 4.70
C MET B 206 -2.14 -9.60 3.97
N VAL B 207 -1.15 -10.31 3.41
CA VAL B 207 -1.46 -11.45 2.56
C VAL B 207 -1.33 -12.77 3.29
N THR B 208 -1.02 -12.75 4.58
CA THR B 208 -0.94 -14.00 5.32
C THR B 208 -1.96 -14.02 6.44
N ASP B 209 -1.63 -13.45 7.60
CA ASP B 209 -2.59 -13.41 8.69
C ASP B 209 -3.74 -12.44 8.39
N GLY B 210 -3.40 -11.22 8.02
CA GLY B 210 -4.38 -10.15 7.84
C GLY B 210 -4.03 -8.94 8.68
N ILE B 211 -4.69 -7.84 8.36
CA ILE B 211 -4.52 -6.57 9.07
C ILE B 211 -5.90 -6.02 9.40
N ASN B 212 -5.92 -5.02 10.29
CA ASN B 212 -7.17 -4.38 10.72
C ASN B 212 -7.45 -3.14 9.88
N CYS B 213 -8.51 -2.39 10.22
CA CYS B 213 -8.93 -1.28 9.37
C CYS B 213 -8.00 -0.07 9.52
N THR B 214 -7.39 0.15 10.69
CA THR B 214 -6.52 1.32 10.83
C THR B 214 -5.21 1.10 10.11
N ASP B 215 -4.62 -0.09 10.21
CA ASP B 215 -3.42 -0.38 9.44
C ASP B 215 -3.72 -0.33 7.95
N ALA B 216 -4.86 -0.88 7.54
CA ALA B 216 -5.17 -0.88 6.12
C ALA B 216 -5.35 0.54 5.59
N CYS B 217 -6.04 1.39 6.34
CA CYS B 217 -6.23 2.78 5.91
C CYS B 217 -4.89 3.50 5.79
N GLN B 218 -4.01 3.31 6.77
CA GLN B 218 -2.73 4.02 6.74
C GLN B 218 -1.84 3.50 5.62
N LEU B 219 -2.02 2.23 5.26
CA LEU B 219 -1.25 1.63 4.18
C LEU B 219 -1.79 2.08 2.82
N PHE B 220 -3.11 2.02 2.65
CA PHE B 220 -3.63 2.29 1.31
C PHE B 220 -3.83 3.77 1.01
N LYS B 221 -3.90 4.64 2.01
CA LYS B 221 -4.04 6.06 1.68
C LYS B 221 -2.88 6.57 0.82
N PRO B 222 -1.63 6.47 1.24
CA PRO B 222 -0.56 7.04 0.40
C PRO B 222 -0.43 6.30 -0.92
N VAL B 223 -0.76 5.01 -0.98
CA VAL B 223 -0.68 4.27 -2.25
C VAL B 223 -1.67 4.85 -3.25
N ILE B 224 -2.91 5.03 -2.82
CA ILE B 224 -3.94 5.52 -3.74
C ILE B 224 -3.67 6.97 -4.10
N GLU B 225 -3.13 7.74 -3.16
CA GLU B 225 -2.75 9.12 -3.49
C GLU B 225 -1.66 9.05 -4.56
N GLY B 226 -0.76 8.08 -4.42
CA GLY B 226 0.29 7.89 -5.40
C GLY B 226 -0.21 7.57 -6.78
N LEU B 227 -1.43 7.04 -6.89
CA LEU B 227 -2.01 6.72 -8.20
C LEU B 227 -2.72 7.91 -8.82
N GLY B 228 -2.82 9.04 -8.13
CA GLY B 228 -3.47 10.20 -8.71
C GLY B 228 -4.83 10.59 -8.08
N TYR B 229 -5.21 10.04 -6.92
CA TYR B 229 -6.50 10.32 -6.29
C TYR B 229 -6.32 11.17 -5.03
N SER B 230 -7.36 11.91 -4.65
CA SER B 230 -7.33 12.50 -3.32
C SER B 230 -7.96 11.49 -2.36
N VAL B 231 -7.43 11.42 -1.14
CA VAL B 231 -7.92 10.45 -0.15
C VAL B 231 -8.03 11.13 1.20
N ARG B 232 -9.13 10.87 1.89
CA ARG B 232 -9.37 11.33 3.28
C ARG B 232 -9.87 10.14 4.10
N ILE B 233 -9.25 9.86 5.24
CA ILE B 233 -9.68 8.76 6.09
C ILE B 233 -10.88 9.21 6.91
N GLU B 234 -12.00 8.47 6.84
CA GLU B 234 -13.18 8.80 7.63
C GLU B 234 -13.31 7.84 8.79
N HIS B 235 -13.53 8.41 9.97
CA HIS B 235 -13.90 7.67 11.17
C HIS B 235 -15.42 7.62 11.23
N VAL B 236 -16.00 6.41 11.21
CA VAL B 236 -17.45 6.26 11.23
C VAL B 236 -17.88 5.19 12.22
N LYS B 237 -19.19 5.10 12.40
CA LYS B 237 -19.86 4.01 13.09
C LYS B 237 -20.70 3.26 12.07
N VAL B 238 -20.70 1.92 12.14
CA VAL B 238 -21.46 1.10 11.20
C VAL B 238 -22.32 0.12 12.00
N ARG B 239 -23.59 -0.03 11.59
CA ARG B 239 -24.64 -0.56 12.49
C ARG B 239 -24.33 -1.92 13.12
N CYS B 240 -23.56 -2.78 12.45
CA CYS B 240 -23.25 -4.07 13.04
C CYS B 240 -22.54 -3.93 14.39
N ASN B 241 -22.87 -4.85 15.31
CA ASN B 241 -22.25 -5.04 16.62
C ASN B 241 -22.65 -6.46 17.03
N ASP B 242 -23.01 -6.67 18.30
CA ASP B 242 -23.95 -7.73 18.57
C ASP B 242 -25.25 -7.48 17.79
N ASN B 243 -25.66 -6.20 17.72
CA ASN B 243 -26.48 -5.56 16.69
C ASN B 243 -26.80 -4.14 17.15
N LYS B 244 -25.78 -3.49 17.71
CA LYS B 244 -25.87 -2.15 18.31
C LYS B 244 -24.59 -1.33 18.06
N TRP B 245 -24.12 -1.32 16.79
CA TRP B 245 -23.14 -0.36 16.26
C TRP B 245 -21.67 -0.63 16.58
N TYR B 246 -20.82 -0.58 15.54
CA TYR B 246 -19.37 -0.73 15.65
C TYR B 246 -18.65 0.51 15.09
N GLY B 247 -17.46 0.78 15.64
CA GLY B 247 -16.63 1.87 15.15
C GLY B 247 -15.66 1.39 14.07
N HIS B 248 -15.42 2.25 13.08
CA HIS B 248 -14.80 1.78 11.85
C HIS B 248 -14.10 2.92 11.12
N TYR B 249 -13.02 2.58 10.42
CA TYR B 249 -12.30 3.52 9.56
C TYR B 249 -12.34 2.98 8.14
N PHE B 250 -12.64 3.85 7.18
CA PHE B 250 -12.46 3.53 5.76
C PHE B 250 -11.96 4.77 5.03
N LEU B 251 -11.66 4.60 3.74
CA LEU B 251 -11.13 5.66 2.91
C LEU B 251 -12.26 6.26 2.09
N ARG B 252 -12.25 7.59 1.98
CA ARG B 252 -13.02 8.34 1.00
C ARG B 252 -12.06 8.73 -0.12
N VAL B 253 -12.41 8.39 -1.36
CA VAL B 253 -11.52 8.62 -2.49
C VAL B 253 -12.24 9.40 -3.58
N ALA B 254 -11.51 10.33 -4.20
CA ALA B 254 -12.02 11.15 -5.29
C ALA B 254 -10.94 11.26 -6.37
N GLY B 255 -11.37 11.55 -7.60
CA GLY B 255 -10.48 11.75 -8.73
C GLY B 255 -10.59 10.61 -9.76
N LYS B 256 -10.11 10.90 -10.98
CA LYS B 256 -10.15 9.93 -12.08
C LYS B 256 -11.51 9.26 -12.23
N GLU B 257 -11.55 7.91 -12.15
CA GLU B 257 -12.82 7.25 -12.39
C GLU B 257 -13.75 7.26 -11.17
N LEU B 258 -13.30 7.74 -10.03
CA LEU B 258 -14.11 7.67 -8.82
C LEU B 258 -14.81 9.03 -8.64
N ALA B 259 -15.12 9.42 -7.40
CA ALA B 259 -16.03 10.55 -7.17
C ALA B 259 -15.40 11.89 -7.58
N SER B 260 -16.27 12.84 -7.96
CA SER B 260 -15.82 14.18 -8.28
C SER B 260 -15.21 14.82 -7.03
N VAL B 261 -14.00 15.34 -7.18
CA VAL B 261 -13.27 15.92 -6.04
C VAL B 261 -13.97 17.16 -5.48
N SER B 262 -14.73 17.88 -6.31
CA SER B 262 -15.42 19.08 -5.83
C SER B 262 -16.60 18.77 -4.93
N LEU B 263 -17.03 17.51 -4.84
CA LEU B 263 -18.00 17.12 -3.84
C LEU B 263 -17.38 17.25 -2.45
N PRO B 264 -18.17 17.57 -1.42
CA PRO B 264 -17.67 17.43 -0.04
C PRO B 264 -17.25 15.98 0.20
N SER B 265 -16.20 15.83 1.01
CA SER B 265 -15.52 14.53 1.08
C SER B 265 -16.44 13.43 1.59
N GLU B 266 -17.48 13.77 2.36
CA GLU B 266 -18.35 12.71 2.83
C GLU B 266 -19.28 12.20 1.75
N ARG B 267 -19.20 12.72 0.52
CA ARG B 267 -19.86 12.15 -0.65
C ARG B 267 -18.88 11.46 -1.60
N TRP B 268 -17.63 11.35 -1.20
CA TRP B 268 -16.64 10.70 -2.10
C TRP B 268 -16.86 9.17 -2.13
N THR B 269 -16.19 8.50 -3.03
CA THR B 269 -16.29 7.03 -3.08
C THR B 269 -15.76 6.39 -1.80
N VAL B 270 -16.55 5.50 -1.23
CA VAL B 270 -16.10 4.68 -0.10
C VAL B 270 -15.18 3.58 -0.64
N TRP B 271 -13.96 3.54 -0.12
CA TRP B 271 -12.99 2.48 -0.46
C TRP B 271 -12.70 1.78 0.85
N ASP B 272 -13.36 0.63 1.09
CA ASP B 272 -13.36 -0.03 2.39
C ASP B 272 -12.62 -1.36 2.30
N TYR B 273 -11.43 -1.40 2.89
CA TYR B 273 -10.61 -2.61 2.90
C TYR B 273 -11.37 -3.80 3.48
N VAL B 274 -12.22 -3.55 4.49
CA VAL B 274 -12.98 -4.64 5.10
C VAL B 274 -14.04 -5.16 4.14
N SER B 275 -14.66 -4.26 3.38
CA SER B 275 -15.61 -4.70 2.37
C SER B 275 -14.91 -5.60 1.36
N ALA B 276 -13.71 -5.21 0.92
CA ALA B 276 -13.02 -5.97 -0.11
C ALA B 276 -12.60 -7.35 0.40
N THR B 277 -12.16 -7.43 1.65
CA THR B 277 -11.49 -8.63 2.10
C THR B 277 -12.30 -9.47 3.07
N LYS B 278 -13.41 -8.96 3.61
CA LYS B 278 -14.09 -9.78 4.61
C LYS B 278 -15.56 -9.93 4.31
N THR B 279 -16.28 -8.83 4.13
CA THR B 279 -17.72 -8.95 3.93
C THR B 279 -18.11 -9.06 2.48
N GLY B 280 -17.14 -9.02 1.57
CA GLY B 280 -17.41 -9.26 0.16
C GLY B 280 -18.30 -8.24 -0.50
N ARG B 281 -18.23 -6.94 -0.05
CA ARG B 281 -19.11 -5.93 -0.63
C ARG B 281 -18.35 -5.12 -1.68
N PRO B 282 -19.02 -4.56 -2.68
CA PRO B 282 -18.31 -3.96 -3.80
C PRO B 282 -17.69 -2.60 -3.44
N LEU B 283 -16.84 -2.13 -4.33
CA LEU B 283 -16.24 -0.81 -4.19
C LEU B 283 -17.34 0.24 -4.10
N GLY B 284 -17.24 1.13 -3.11
CA GLY B 284 -18.24 2.16 -2.93
C GLY B 284 -19.20 1.88 -1.81
N ALA B 285 -19.15 0.65 -1.23
CA ALA B 285 -19.99 0.25 -0.13
C ALA B 285 -19.17 0.07 1.13
N PRO B 286 -19.68 0.54 2.27
CA PRO B 286 -19.03 0.27 3.56
C PRO B 286 -19.14 -1.21 3.89
N CYS B 287 -18.41 -1.62 4.93
CA CYS B 287 -18.30 -3.06 5.20
C CYS B 287 -19.61 -3.66 5.71
N CYS B 288 -20.45 -2.84 6.35
CA CYS B 288 -21.79 -3.24 6.85
C CYS B 288 -22.83 -2.39 6.14
N SER B 289 -24.04 -2.92 5.96
CA SER B 289 -25.05 -2.30 5.11
C SER B 289 -26.18 -1.60 5.86
N ARG B 290 -26.33 -1.86 7.16
CA ARG B 290 -27.40 -1.16 7.93
C ARG B 290 -26.88 0.24 8.26
N GLY B 291 -25.59 0.39 7.91
CA GLY B 291 -24.61 1.51 7.97
C GLY B 291 -24.94 2.72 8.83
N ILE B 292 -24.10 3.01 9.83
CA ILE B 292 -24.43 4.14 10.74
C ILE B 292 -23.87 5.52 10.36
N GLN B 293 -23.06 6.16 11.21
CA GLN B 293 -22.83 7.61 11.00
C GLN B 293 -21.37 8.09 11.06
N HIS B 294 -21.21 9.38 10.78
CA HIS B 294 -19.91 10.08 10.73
C HIS B 294 -19.38 10.40 12.11
N LEU B 295 -18.15 10.02 12.40
CA LEU B 295 -17.51 10.35 13.66
C LEU B 295 -16.43 11.41 13.53
N GLY B 296 -15.71 11.48 12.42
CA GLY B 296 -14.63 12.42 12.30
C GLY B 296 -13.77 12.11 11.09
N TRP B 297 -12.70 12.89 10.93
CA TRP B 297 -11.73 12.67 9.87
C TRP B 297 -10.38 12.38 10.47
N GLY B 298 -9.70 11.34 9.99
CA GLY B 298 -8.38 10.99 10.44
C GLY B 298 -8.40 9.94 11.55
N ILE B 299 -7.21 9.38 11.80
CA ILE B 299 -7.03 8.31 12.77
C ILE B 299 -7.00 8.92 14.17
N VAL B 300 -7.95 8.52 15.00
CA VAL B 300 -8.00 8.97 16.40
C VAL B 300 -6.92 8.28 17.25
#